data_3T9F
#
_entry.id   3T9F
#
_cell.length_a   89.036
_cell.length_b   110.009
_cell.length_c   41.484
_cell.angle_alpha   90.00
_cell.angle_beta   90.00
_cell.angle_gamma   90.00
#
_symmetry.space_group_name_H-M   'P 21 21 21'
#
loop_
_entity.id
_entity.type
_entity.pdbx_description
1 polymer 'Inositol Pyrophosphate Kinase'
2 non-polymer "ADENOSINE-5'-DIPHOSPHATE"
3 non-polymer '(1R,3S,4R,5S,6R)-2,4,5,6-tetrakis(phosphonooxy)cyclohexane-1,3-diyl bis[trihydrogen (diphosphate)]'
4 non-polymer 'CADMIUM ION'
5 non-polymer 'MAGNESIUM ION'
6 water water
#
_entity_poly.entity_id   1
_entity_poly.type   'polypeptide(L)'
_entity_poly.pdbx_seq_one_letter_code
;GSFTERQIVVGICSMAKKSKSKPMKEILERISLFKYITVVVFEEEVILNEPVENWPLCDCLISFHSKGFPLDKAVAYAKL
RNPFVINDLNMQYLIQDRREVYSILQAEGILLPRYAILNRDPNNPKECNLIEGEDHVEVNGEVFQKPFVEKPVSAEDHNV
YIYYPTSAGGGSQRLFRKIGSRSSVYSPESNVRKTGSYIYEEFMPTDGTDVKVYTVGPDYAHAEARKSPALDGKVERDSE
GKEVRYPVILNAREKLIAWKVCLAFKQTVCGFDLLRANGQSYVCDVNGFSFVKNSMKYYDDCAKILGNIVMRELAPQFHI
PWSIPLEAED
;
_entity_poly.pdbx_strand_id   A
#
loop_
_chem_comp.id
_chem_comp.type
_chem_comp.name
_chem_comp.formula
ADP non-polymer ADENOSINE-5'-DIPHOSPHATE 'C10 H15 N5 O10 P2'
CD non-polymer 'CADMIUM ION' 'Cd 2'
I8P non-polymer '(1R,3S,4R,5S,6R)-2,4,5,6-tetrakis(phosphonooxy)cyclohexane-1,3-diyl bis[trihydrogen (diphosphate)]' 'C6 H20 O30 P8'
MG non-polymer 'MAGNESIUM ION' 'Mg 2'
#
# COMPACT_ATOMS: atom_id res chain seq x y z
N GLN A 7 28.69 3.75 -16.11
CA GLN A 7 27.74 3.71 -14.93
C GLN A 7 26.37 3.16 -15.31
N ILE A 8 25.83 2.32 -14.43
CA ILE A 8 24.45 1.88 -14.55
C ILE A 8 23.61 2.99 -13.94
N VAL A 9 22.63 3.49 -14.68
CA VAL A 9 21.80 4.60 -14.20
C VAL A 9 20.50 4.09 -13.60
N VAL A 10 20.24 4.45 -12.35
CA VAL A 10 18.96 4.15 -11.73
C VAL A 10 18.11 5.43 -11.70
N GLY A 11 17.01 5.42 -12.44
CA GLY A 11 16.14 6.58 -12.48
C GLY A 11 15.02 6.43 -11.48
N ILE A 12 14.74 7.52 -10.76
CA ILE A 12 13.68 7.55 -9.76
C ILE A 12 12.62 8.50 -10.30
N CYS A 13 11.42 7.97 -10.49
CA CYS A 13 10.36 8.72 -11.16
C CYS A 13 9.08 8.71 -10.32
N SER A 14 8.84 9.80 -9.60
CA SER A 14 7.63 9.95 -8.78
C SER A 14 7.40 11.41 -8.43
N MET A 15 6.23 11.69 -7.85
CA MET A 15 5.91 13.05 -7.38
C MET A 15 6.95 13.49 -6.37
N ALA A 16 7.22 14.79 -6.34
CA ALA A 16 8.25 15.36 -5.47
C ALA A 16 8.00 15.07 -3.98
N LYS A 17 6.73 15.09 -3.57
CA LYS A 17 6.33 14.74 -2.19
C LYS A 17 7.01 13.42 -1.75
N LYS A 18 7.11 12.48 -2.69
CA LYS A 18 7.73 11.19 -2.42
C LYS A 18 9.25 11.20 -2.66
N SER A 19 9.66 11.67 -3.84
N SER A 19 9.68 11.66 -3.83
CA SER A 19 11.08 11.66 -4.26
CA SER A 19 11.10 11.60 -4.22
C SER A 19 11.97 12.45 -3.32
C SER A 19 12.00 12.51 -3.38
N LYS A 20 11.41 13.49 -2.71
CA LYS A 20 12.14 14.36 -1.78
C LYS A 20 11.86 14.06 -0.33
N SER A 21 11.10 13.00 -0.03
CA SER A 21 10.81 12.67 1.35
C SER A 21 12.09 12.19 2.02
N LYS A 22 12.16 12.32 3.33
CA LYS A 22 13.36 11.92 4.07
C LYS A 22 13.74 10.43 3.87
N PRO A 23 12.77 9.49 3.98
CA PRO A 23 13.13 8.10 3.71
C PRO A 23 13.71 7.87 2.32
N MET A 24 13.15 8.51 1.30
CA MET A 24 13.67 8.35 -0.06
C MET A 24 15.12 8.83 -0.14
N LYS A 25 15.36 10.04 0.39
CA LYS A 25 16.72 10.61 0.35
C LYS A 25 17.73 9.71 1.07
N GLU A 26 17.29 9.15 2.20
CA GLU A 26 18.15 8.27 2.97
C GLU A 26 18.54 7.03 2.15
N ILE A 27 17.58 6.47 1.44
CA ILE A 27 17.83 5.27 0.64
C ILE A 27 18.67 5.57 -0.60
N LEU A 28 18.34 6.66 -1.30
CA LEU A 28 19.06 7.05 -2.49
C LEU A 28 20.53 7.38 -2.27
N GLU A 29 20.86 8.02 -1.15
CA GLU A 29 22.28 8.25 -0.80
C GLU A 29 23.03 6.93 -0.55
N ARG A 30 22.34 5.91 -0.02
CA ARG A 30 22.96 4.61 0.19
C ARG A 30 23.12 3.82 -1.11
N ILE A 31 22.13 3.90 -2.00
CA ILE A 31 22.26 3.24 -3.31
C ILE A 31 23.40 3.90 -4.09
N SER A 32 23.53 5.23 -3.95
CA SER A 32 24.60 5.95 -4.60
C SER A 32 25.98 5.46 -4.16
N LEU A 33 26.06 4.77 -3.02
CA LEU A 33 27.32 4.16 -2.55
C LEU A 33 27.82 3.03 -3.45
N PHE A 34 26.93 2.43 -4.23
CA PHE A 34 27.35 1.38 -5.15
C PHE A 34 28.27 2.01 -6.20
N LYS A 35 29.48 1.44 -6.32
CA LYS A 35 30.54 2.01 -7.16
C LYS A 35 30.11 2.26 -8.60
N TYR A 36 29.31 1.34 -9.13
CA TYR A 36 28.90 1.39 -10.55
C TYR A 36 27.48 1.90 -10.81
N ILE A 37 26.87 2.48 -9.78
CA ILE A 37 25.49 2.95 -9.91
C ILE A 37 25.47 4.45 -9.72
N THR A 38 24.78 5.14 -10.61
CA THR A 38 24.47 6.55 -10.50
C THR A 38 22.94 6.67 -10.43
N VAL A 39 22.46 7.46 -9.48
CA VAL A 39 21.04 7.71 -9.30
C VAL A 39 20.67 9.04 -9.93
N VAL A 40 19.59 9.05 -10.72
CA VAL A 40 19.05 10.28 -11.28
C VAL A 40 17.59 10.39 -10.85
N VAL A 41 17.26 11.45 -10.13
CA VAL A 41 15.90 11.72 -9.68
C VAL A 41 15.17 12.60 -10.71
N PHE A 42 14.10 12.09 -11.33
CA PHE A 42 13.37 12.87 -12.32
C PHE A 42 12.65 14.01 -11.62
N GLU A 43 12.88 15.24 -12.10
CA GLU A 43 12.23 16.44 -11.57
C GLU A 43 10.72 16.36 -11.80
N GLU A 44 9.94 16.79 -10.82
CA GLU A 44 8.48 16.78 -10.95
C GLU A 44 8.00 17.63 -12.12
N GLU A 45 8.61 18.81 -12.28
CA GLU A 45 8.29 19.71 -13.40
C GLU A 45 8.45 18.97 -14.75
N VAL A 46 9.52 18.18 -14.89
CA VAL A 46 9.77 17.37 -16.08
C VAL A 46 8.72 16.28 -16.22
N ILE A 47 8.47 15.57 -15.11
CA ILE A 47 7.47 14.50 -15.10
C ILE A 47 6.11 15.00 -15.57
N LEU A 48 5.67 16.12 -15.00
CA LEU A 48 4.36 16.69 -15.30
C LEU A 48 4.24 17.37 -16.67
N ASN A 49 5.27 18.14 -17.05
CA ASN A 49 5.19 19.03 -18.20
C ASN A 49 6.03 18.69 -19.44
N GLU A 50 7.02 17.80 -19.32
CA GLU A 50 7.83 17.43 -20.50
C GLU A 50 7.27 16.16 -21.12
N PRO A 51 7.34 16.03 -22.46
CA PRO A 51 7.05 14.75 -23.07
C PRO A 51 8.06 13.69 -22.66
N VAL A 52 7.62 12.44 -22.57
CA VAL A 52 8.49 11.33 -22.13
C VAL A 52 9.80 11.21 -22.93
N GLU A 53 9.76 11.61 -24.21
CA GLU A 53 10.92 11.60 -25.08
C GLU A 53 12.05 12.50 -24.54
N ASN A 54 11.70 13.48 -23.70
CA ASN A 54 12.68 14.38 -23.10
C ASN A 54 13.13 13.97 -21.71
N TRP A 55 12.46 12.97 -21.12
CA TRP A 55 12.83 12.53 -19.76
C TRP A 55 14.24 11.93 -19.78
N PRO A 56 14.97 11.98 -18.65
CA PRO A 56 16.32 11.40 -18.64
C PRO A 56 16.31 9.91 -18.96
N LEU A 57 17.42 9.41 -19.51
CA LEU A 57 17.61 7.97 -19.70
C LEU A 57 17.94 7.30 -18.39
N CYS A 58 17.59 6.03 -18.28
CA CYS A 58 18.05 5.18 -17.19
C CYS A 58 18.05 3.73 -17.64
N ASP A 59 18.80 2.92 -16.92
CA ASP A 59 18.94 1.51 -17.20
C ASP A 59 17.99 0.72 -16.31
N CYS A 60 17.74 1.27 -15.13
CA CYS A 60 16.81 0.70 -14.18
C CYS A 60 15.85 1.81 -13.71
N LEU A 61 14.57 1.52 -13.75
CA LEU A 61 13.56 2.52 -13.39
C LEU A 61 12.81 2.15 -12.10
N ILE A 62 12.83 3.05 -11.12
CA ILE A 62 12.03 2.93 -9.91
C ILE A 62 11.00 4.04 -10.03
N SER A 63 9.77 3.65 -10.33
CA SER A 63 8.70 4.62 -10.60
C SER A 63 7.43 4.14 -9.92
N PHE A 64 6.68 5.05 -9.30
CA PHE A 64 5.48 4.62 -8.58
C PHE A 64 4.43 5.71 -8.48
N HIS A 65 3.17 5.29 -8.59
CA HIS A 65 2.05 6.22 -8.61
C HIS A 65 1.74 6.69 -7.18
N SER A 66 1.42 7.97 -7.08
CA SER A 66 0.77 8.53 -5.90
C SER A 66 -0.12 9.66 -6.42
N LYS A 67 -0.92 10.27 -5.54
CA LYS A 67 -1.86 11.31 -5.98
C LYS A 67 -1.24 12.34 -6.93
N GLY A 68 -1.83 12.49 -8.12
CA GLY A 68 -1.38 13.50 -9.08
C GLY A 68 -0.34 13.00 -10.09
N PHE A 69 0.15 11.78 -9.88
CA PHE A 69 1.15 11.21 -10.78
C PHE A 69 0.58 10.72 -12.11
N PRO A 70 1.20 11.16 -13.23
CA PRO A 70 0.76 10.69 -14.54
C PRO A 70 1.28 9.30 -14.89
N LEU A 71 0.60 8.27 -14.38
CA LEU A 71 1.04 6.91 -14.58
C LEU A 71 1.06 6.55 -16.08
N ASP A 72 0.16 7.17 -16.86
CA ASP A 72 0.14 6.93 -18.33
C ASP A 72 1.49 7.35 -18.94
N LYS A 73 2.05 8.47 -18.50
CA LYS A 73 3.37 8.90 -18.96
C LYS A 73 4.49 7.94 -18.51
N ALA A 74 4.41 7.44 -17.28
CA ALA A 74 5.45 6.54 -16.78
C ALA A 74 5.47 5.25 -17.61
N VAL A 75 4.29 4.75 -17.93
CA VAL A 75 4.14 3.56 -18.75
C VAL A 75 4.75 3.78 -20.15
N ALA A 76 4.43 4.92 -20.77
CA ALA A 76 4.92 5.26 -22.11
C ALA A 76 6.45 5.42 -22.11
N TYR A 77 6.97 6.08 -21.09
CA TYR A 77 8.42 6.16 -20.91
C TYR A 77 9.08 4.77 -20.86
N ALA A 78 8.54 3.88 -20.03
CA ALA A 78 9.07 2.51 -19.89
C ALA A 78 9.01 1.74 -21.20
N LYS A 79 7.91 1.89 -21.95
CA LYS A 79 7.75 1.28 -23.27
C LYS A 79 8.77 1.83 -24.27
N LEU A 80 8.98 3.14 -24.23
CA LEU A 80 9.95 3.81 -25.10
C LEU A 80 11.39 3.37 -24.83
N ARG A 81 11.80 3.39 -23.57
CA ARG A 81 13.21 3.16 -23.23
C ARG A 81 13.55 1.72 -22.83
N ASN A 82 12.52 0.90 -22.57
CA ASN A 82 12.70 -0.46 -22.07
C ASN A 82 13.73 -0.64 -20.93
N PRO A 83 13.63 0.15 -19.83
CA PRO A 83 14.54 -0.09 -18.68
C PRO A 83 14.12 -1.34 -17.93
N PHE A 84 14.98 -1.81 -17.03
CA PHE A 84 14.63 -2.85 -16.06
C PHE A 84 13.76 -2.16 -15.01
N VAL A 85 12.52 -2.63 -14.85
CA VAL A 85 11.53 -1.97 -14.01
C VAL A 85 11.40 -2.68 -12.65
N ILE A 86 11.62 -1.95 -11.57
CA ILE A 86 11.65 -2.49 -10.18
C ILE A 86 10.25 -2.77 -9.62
N ASN A 87 9.36 -1.78 -9.75
CA ASN A 87 7.95 -1.93 -9.44
C ASN A 87 7.19 -1.81 -10.74
N ASP A 88 6.50 -2.87 -11.13
CA ASP A 88 5.75 -2.92 -12.40
C ASP A 88 4.71 -1.81 -12.45
N LEU A 89 4.73 -1.05 -13.54
CA LEU A 89 3.87 0.10 -13.69
C LEU A 89 2.40 -0.21 -14.00
N ASN A 90 2.13 -1.20 -14.86
CA ASN A 90 0.72 -1.49 -15.20
C ASN A 90 -0.06 -2.00 -13.98
N MET A 91 0.62 -2.71 -13.09
N MET A 91 0.62 -2.73 -13.09
CA MET A 91 -0.01 -3.21 -11.87
CA MET A 91 -0.02 -3.22 -11.87
C MET A 91 -0.50 -2.07 -10.98
C MET A 91 -0.47 -2.09 -10.94
N GLN A 92 0.11 -0.90 -11.14
CA GLN A 92 -0.21 0.25 -10.30
C GLN A 92 -1.58 0.89 -10.62
N TYR A 93 -2.10 0.63 -11.82
CA TYR A 93 -3.50 0.90 -12.11
C TYR A 93 -4.40 0.03 -11.23
N LEU A 94 -4.09 -1.26 -11.15
CA LEU A 94 -4.91 -2.20 -10.37
C LEU A 94 -4.87 -1.94 -8.87
N ILE A 95 -3.70 -1.53 -8.38
CA ILE A 95 -3.50 -1.28 -6.94
C ILE A 95 -4.38 -0.10 -6.49
N GLN A 96 -4.80 0.73 -7.44
CA GLN A 96 -5.68 1.86 -7.13
C GLN A 96 -7.14 1.47 -6.88
N ASP A 97 -7.46 0.20 -7.08
CA ASP A 97 -8.84 -0.29 -7.04
C ASP A 97 -8.88 -1.45 -6.05
N ARG A 98 -9.55 -1.25 -4.93
N ARG A 98 -9.55 -1.24 -4.92
CA ARG A 98 -9.58 -2.25 -3.86
CA ARG A 98 -9.60 -2.23 -3.85
C ARG A 98 -10.15 -3.58 -4.33
C ARG A 98 -10.17 -3.57 -4.30
N ARG A 99 -11.11 -3.52 -5.25
CA ARG A 99 -11.70 -4.75 -5.84
C ARG A 99 -10.66 -5.59 -6.57
N GLU A 100 -9.79 -4.92 -7.33
CA GLU A 100 -8.73 -5.60 -8.08
C GLU A 100 -7.69 -6.18 -7.12
N VAL A 101 -7.38 -5.44 -6.05
CA VAL A 101 -6.42 -5.90 -5.06
C VAL A 101 -6.92 -7.18 -4.40
N TYR A 102 -8.19 -7.19 -3.99
CA TYR A 102 -8.73 -8.38 -3.31
C TYR A 102 -8.88 -9.57 -4.24
N SER A 103 -9.28 -9.30 -5.49
CA SER A 103 -9.31 -10.34 -6.52
C SER A 103 -7.95 -11.04 -6.64
N ILE A 104 -6.86 -10.27 -6.68
CA ILE A 104 -5.50 -10.83 -6.77
C ILE A 104 -5.11 -11.66 -5.54
N LEU A 105 -5.46 -11.15 -4.36
CA LEU A 105 -5.15 -11.85 -3.14
C LEU A 105 -5.83 -13.22 -3.10
N GLN A 106 -7.08 -13.26 -3.52
CA GLN A 106 -7.82 -14.53 -3.57
C GLN A 106 -7.16 -15.48 -4.56
N ALA A 107 -6.77 -14.96 -5.72
CA ALA A 107 -6.14 -15.79 -6.75
C ALA A 107 -4.82 -16.41 -6.26
N GLU A 108 -4.18 -15.78 -5.27
CA GLU A 108 -2.91 -16.28 -4.75
C GLU A 108 -3.03 -17.11 -3.50
N GLY A 109 -4.28 -17.44 -3.14
CA GLY A 109 -4.56 -18.20 -1.93
C GLY A 109 -4.10 -17.49 -0.66
N ILE A 110 -4.24 -16.15 -0.65
CA ILE A 110 -3.84 -15.35 0.51
C ILE A 110 -5.08 -15.06 1.35
N LEU A 111 -5.01 -15.39 2.64
CA LEU A 111 -6.16 -15.15 3.53
C LEU A 111 -6.45 -13.65 3.63
N LEU A 112 -7.73 -13.32 3.49
CA LEU A 112 -8.24 -11.96 3.61
C LEU A 112 -9.66 -11.99 4.22
N PRO A 113 -10.16 -10.85 4.72
CA PRO A 113 -11.51 -10.93 5.32
C PRO A 113 -12.55 -11.36 4.28
N ARG A 114 -13.55 -12.13 4.71
CA ARG A 114 -14.72 -12.39 3.87
C ARG A 114 -15.29 -11.04 3.47
N TYR A 115 -15.58 -10.87 2.19
CA TYR A 115 -16.01 -9.57 1.67
C TYR A 115 -17.01 -9.69 0.54
N ALA A 116 -17.72 -8.61 0.27
CA ALA A 116 -18.61 -8.55 -0.87
C ALA A 116 -18.60 -7.14 -1.44
N ILE A 117 -18.72 -7.06 -2.76
CA ILE A 117 -18.57 -5.78 -3.45
C ILE A 117 -19.95 -5.23 -3.77
N LEU A 118 -20.20 -3.98 -3.39
CA LEU A 118 -21.43 -3.30 -3.75
C LEU A 118 -21.11 -2.25 -4.80
N ASN A 119 -21.36 -2.58 -6.07
CA ASN A 119 -21.18 -1.60 -7.15
C ASN A 119 -22.48 -0.84 -7.38
N ARG A 120 -22.41 0.48 -7.32
CA ARG A 120 -23.59 1.32 -7.39
C ARG A 120 -23.55 2.17 -8.65
N ASP A 121 -24.65 2.19 -9.40
CA ASP A 121 -24.81 3.07 -10.56
C ASP A 121 -25.19 4.46 -10.04
N PRO A 122 -24.31 5.47 -10.24
CA PRO A 122 -24.55 6.79 -9.68
C PRO A 122 -25.91 7.36 -10.11
N ASN A 123 -26.33 6.98 -11.31
CA ASN A 123 -27.60 7.40 -11.88
C ASN A 123 -28.84 6.77 -11.23
N ASN A 124 -28.79 5.47 -10.97
CA ASN A 124 -29.82 4.81 -10.14
C ASN A 124 -29.23 4.16 -8.87
N PRO A 125 -28.99 4.98 -7.81
CA PRO A 125 -28.28 4.51 -6.62
C PRO A 125 -29.06 3.56 -5.69
N LYS A 126 -30.38 3.50 -5.83
CA LYS A 126 -31.20 2.62 -4.98
C LYS A 126 -31.45 1.26 -5.65
N GLU A 127 -31.09 1.15 -6.93
CA GLU A 127 -31.29 -0.08 -7.71
C GLU A 127 -30.17 -1.12 -7.55
N CYS A 128 -29.33 -0.97 -6.54
CA CYS A 128 -28.27 -1.94 -6.30
C CYS A 128 -28.65 -2.99 -5.26
N ASN A 129 -27.81 -4.01 -5.12
CA ASN A 129 -28.12 -5.19 -4.32
C ASN A 129 -27.73 -5.01 -2.86
N LEU A 130 -28.35 -4.05 -2.18
CA LEU A 130 -28.11 -3.86 -0.75
C LEU A 130 -29.41 -3.88 0.02
N ILE A 131 -29.46 -4.71 1.06
CA ILE A 131 -30.53 -4.65 2.07
C ILE A 131 -29.88 -4.37 3.41
N GLU A 132 -30.49 -3.47 4.17
CA GLU A 132 -29.93 -3.03 5.41
C GLU A 132 -30.89 -3.30 6.56
N GLY A 133 -30.40 -3.92 7.62
CA GLY A 133 -31.08 -4.01 8.90
C GLY A 133 -30.28 -3.24 9.94
N GLU A 134 -30.79 -3.23 11.18
CA GLU A 134 -30.15 -2.51 12.30
C GLU A 134 -28.77 -3.04 12.63
N ASP A 135 -28.64 -4.38 12.58
CA ASP A 135 -27.41 -5.07 12.99
C ASP A 135 -26.74 -5.89 11.88
N HIS A 136 -27.16 -5.68 10.64
CA HIS A 136 -26.51 -6.34 9.50
C HIS A 136 -26.79 -5.64 8.17
N VAL A 137 -25.93 -5.91 7.19
CA VAL A 137 -26.25 -5.62 5.79
C VAL A 137 -26.21 -6.92 4.98
N GLU A 138 -26.83 -6.87 3.81
CA GLU A 138 -26.86 -7.98 2.91
C GLU A 138 -26.47 -7.43 1.54
N VAL A 139 -25.33 -7.91 1.05
CA VAL A 139 -24.72 -7.36 -0.16
C VAL A 139 -24.65 -8.49 -1.18
N ASN A 140 -25.42 -8.35 -2.25
CA ASN A 140 -25.62 -9.40 -3.26
C ASN A 140 -26.04 -10.70 -2.57
N GLY A 141 -26.87 -10.57 -1.53
CA GLY A 141 -27.43 -11.74 -0.84
C GLY A 141 -26.59 -12.23 0.32
N GLU A 142 -25.33 -11.77 0.39
CA GLU A 142 -24.40 -12.18 1.44
C GLU A 142 -24.54 -11.33 2.70
N VAL A 143 -24.63 -12.01 3.85
CA VAL A 143 -24.95 -11.38 5.12
C VAL A 143 -23.69 -11.00 5.90
N PHE A 144 -23.61 -9.73 6.29
CA PHE A 144 -22.54 -9.22 7.18
C PHE A 144 -23.17 -8.67 8.45
N GLN A 145 -23.00 -9.40 9.53
CA GLN A 145 -23.47 -8.94 10.83
C GLN A 145 -22.48 -7.88 11.32
N LYS A 146 -22.96 -6.90 12.09
CA LYS A 146 -22.08 -5.93 12.74
C LYS A 146 -21.30 -6.61 13.87
N PRO A 147 -20.00 -6.25 14.06
CA PRO A 147 -19.24 -5.22 13.34
C PRO A 147 -18.83 -5.64 11.93
N PHE A 148 -19.01 -4.75 10.96
CA PHE A 148 -18.44 -4.93 9.63
C PHE A 148 -17.72 -3.64 9.18
N VAL A 149 -16.95 -3.76 8.10
CA VAL A 149 -16.15 -2.66 7.59
C VAL A 149 -16.63 -2.31 6.19
N GLU A 150 -16.70 -1.01 5.91
CA GLU A 150 -17.12 -0.47 4.63
C GLU A 150 -15.99 0.36 4.03
N LYS A 151 -15.46 -0.06 2.87
CA LYS A 151 -14.34 0.63 2.23
C LYS A 151 -14.73 1.12 0.84
N PRO A 152 -14.40 2.38 0.53
CA PRO A 152 -14.58 2.89 -0.82
C PRO A 152 -13.81 2.00 -1.78
N VAL A 153 -14.39 1.76 -2.96
CA VAL A 153 -13.67 0.92 -3.92
C VAL A 153 -12.37 1.57 -4.39
N SER A 154 -12.32 2.90 -4.41
CA SER A 154 -11.04 3.55 -4.69
C SER A 154 -10.07 3.40 -3.51
N ALA A 155 -8.97 2.69 -3.75
CA ALA A 155 -7.91 2.51 -2.74
C ALA A 155 -7.23 3.82 -2.35
N GLU A 156 -7.44 4.87 -3.13
CA GLU A 156 -6.89 6.17 -2.76
C GLU A 156 -7.85 6.97 -1.83
N ASP A 157 -9.04 6.42 -1.57
CA ASP A 157 -10.03 7.07 -0.70
C ASP A 157 -9.96 6.37 0.66
N HIS A 158 -9.52 7.11 1.69
CA HIS A 158 -9.26 6.50 3.02
C HIS A 158 -10.42 6.66 4.01
N ASN A 159 -11.58 7.04 3.48
CA ASN A 159 -12.76 7.17 4.32
C ASN A 159 -13.40 5.81 4.54
N VAL A 160 -12.70 4.97 5.29
CA VAL A 160 -13.15 3.64 5.68
C VAL A 160 -14.01 3.73 6.95
N TYR A 161 -15.19 3.12 6.95
CA TYR A 161 -16.10 3.19 8.11
C TYR A 161 -16.28 1.81 8.70
N ILE A 162 -16.37 1.77 10.03
CA ILE A 162 -16.65 0.57 10.78
C ILE A 162 -17.99 0.72 11.49
N TYR A 163 -18.88 -0.27 11.37
CA TYR A 163 -20.22 -0.16 11.96
C TYR A 163 -20.38 -1.08 13.17
N TYR A 164 -20.71 -0.48 14.32
CA TYR A 164 -20.78 -1.21 15.59
C TYR A 164 -22.15 -1.84 15.80
N PRO A 165 -22.19 -3.03 16.44
CA PRO A 165 -23.47 -3.68 16.72
C PRO A 165 -24.26 -2.94 17.82
N THR A 166 -25.59 -3.07 17.79
CA THR A 166 -26.46 -2.57 18.87
C THR A 166 -25.91 -2.90 20.24
N SER A 167 -25.45 -4.14 20.42
CA SER A 167 -24.93 -4.63 21.70
C SER A 167 -23.75 -3.83 22.24
N ALA A 168 -23.10 -3.06 21.35
CA ALA A 168 -21.99 -2.19 21.72
C ALA A 168 -22.33 -0.69 21.57
N GLY A 169 -23.61 -0.35 21.50
CA GLY A 169 -24.04 1.04 21.42
C GLY A 169 -24.25 1.59 20.02
N GLY A 170 -24.08 0.74 19.01
CA GLY A 170 -24.34 1.13 17.64
C GLY A 170 -23.43 2.25 17.17
N GLY A 171 -23.87 2.99 16.18
CA GLY A 171 -23.05 4.04 15.60
C GLY A 171 -21.96 3.49 14.70
N SER A 172 -20.96 4.32 14.42
CA SER A 172 -19.90 3.96 13.48
C SER A 172 -18.62 4.69 13.79
N GLN A 173 -17.50 4.15 13.33
CA GLN A 173 -16.20 4.79 13.45
C GLN A 173 -15.77 5.18 12.04
N ARG A 174 -15.42 6.46 11.87
CA ARG A 174 -15.10 6.99 10.57
C ARG A 174 -13.61 7.28 10.53
N LEU A 175 -12.90 6.50 9.72
CA LEU A 175 -11.45 6.63 9.59
C LEU A 175 -11.11 7.59 8.46
N PHE A 176 -9.93 8.18 8.51
CA PHE A 176 -9.49 9.13 7.49
C PHE A 176 -7.97 9.27 7.49
N ARG A 177 -7.40 9.86 6.44
CA ARG A 177 -5.98 10.21 6.48
C ARG A 177 -5.78 11.05 7.73
N LYS A 178 -4.78 10.71 8.54
CA LYS A 178 -4.52 11.38 9.82
C LYS A 178 -4.50 12.89 9.65
N ILE A 179 -5.18 13.56 10.58
CA ILE A 179 -5.12 15.02 10.71
C ILE A 179 -4.60 15.25 12.13
N GLY A 180 -3.35 15.69 12.21
CA GLY A 180 -2.67 15.93 13.49
C GLY A 180 -2.75 14.72 14.40
N SER A 181 -3.45 14.88 15.50
CA SER A 181 -3.53 13.86 16.54
C SER A 181 -4.64 12.82 16.35
N ARG A 182 -5.40 12.90 15.25
CA ARG A 182 -6.55 11.99 15.02
C ARG A 182 -6.52 11.19 13.74
N SER A 183 -6.96 9.94 13.83
CA SER A 183 -7.00 9.04 12.70
C SER A 183 -8.43 8.56 12.45
N SER A 184 -9.32 8.86 13.40
CA SER A 184 -10.73 8.49 13.26
C SER A 184 -11.61 9.21 14.27
N VAL A 185 -12.92 9.15 14.04
N VAL A 185 -12.93 9.16 14.06
CA VAL A 185 -13.88 9.76 14.94
CA VAL A 185 -13.89 9.81 14.95
C VAL A 185 -15.12 8.86 15.00
C VAL A 185 -15.23 9.08 14.97
N TYR A 186 -15.75 8.82 16.17
CA TYR A 186 -17.04 8.16 16.36
C TYR A 186 -18.19 9.01 15.78
N SER A 187 -19.13 8.34 15.14
CA SER A 187 -20.35 8.95 14.65
C SER A 187 -21.55 8.19 15.21
N PRO A 188 -22.62 8.91 15.61
CA PRO A 188 -23.88 8.27 16.04
C PRO A 188 -24.58 7.56 14.88
N GLU A 189 -24.22 7.92 13.65
CA GLU A 189 -24.83 7.31 12.45
C GLU A 189 -24.64 5.79 12.42
N SER A 190 -25.75 5.07 12.24
CA SER A 190 -25.75 3.62 12.26
C SER A 190 -25.95 3.05 10.88
N ASN A 191 -26.53 3.84 9.99
CA ASN A 191 -26.82 3.37 8.64
C ASN A 191 -25.63 3.59 7.72
N VAL A 192 -25.45 2.67 6.78
CA VAL A 192 -24.35 2.73 5.81
C VAL A 192 -24.48 3.91 4.83
N ARG A 193 -23.40 4.18 4.09
CA ARG A 193 -23.42 5.27 3.14
C ARG A 193 -24.34 4.91 1.96
N LYS A 194 -25.10 5.91 1.49
CA LYS A 194 -26.13 5.66 0.47
C LYS A 194 -25.69 6.00 -0.95
N THR A 195 -24.59 6.74 -1.10
CA THR A 195 -24.00 6.99 -2.42
C THR A 195 -22.57 6.45 -2.46
N GLY A 196 -22.13 6.02 -3.64
CA GLY A 196 -20.79 5.46 -3.85
C GLY A 196 -20.78 3.95 -3.94
N SER A 197 -19.69 3.38 -4.46
CA SER A 197 -19.49 1.92 -4.46
C SER A 197 -18.53 1.49 -3.35
N TYR A 198 -18.78 0.34 -2.71
CA TYR A 198 -18.06 -0.06 -1.51
C TYR A 198 -17.75 -1.54 -1.49
N ILE A 199 -16.68 -1.90 -0.79
CA ILE A 199 -16.48 -3.27 -0.38
C ILE A 199 -16.97 -3.38 1.05
N TYR A 200 -17.75 -4.42 1.34
CA TYR A 200 -18.15 -4.70 2.70
C TYR A 200 -17.42 -5.94 3.13
N GLU A 201 -16.83 -5.91 4.32
CA GLU A 201 -16.09 -7.06 4.82
C GLU A 201 -16.25 -7.30 6.30
N GLU A 202 -16.01 -8.55 6.73
CA GLU A 202 -16.09 -8.92 8.13
C GLU A 202 -15.01 -8.19 8.92
N PHE A 203 -15.37 -7.73 10.11
CA PHE A 203 -14.40 -7.14 11.01
C PHE A 203 -13.55 -8.26 11.62
N MET A 204 -12.24 -8.10 11.51
CA MET A 204 -11.30 -9.07 12.11
C MET A 204 -10.86 -8.57 13.49
N PRO A 205 -11.19 -9.31 14.56
CA PRO A 205 -10.78 -8.87 15.89
C PRO A 205 -9.27 -9.08 16.12
N THR A 206 -8.54 -8.00 16.32
CA THR A 206 -7.11 -8.03 16.62
C THR A 206 -6.89 -7.66 18.08
N ASP A 207 -5.65 -7.64 18.53
CA ASP A 207 -5.35 -7.19 19.91
C ASP A 207 -5.38 -5.65 20.01
N GLY A 208 -5.84 -5.00 18.96
CA GLY A 208 -5.91 -3.54 18.93
C GLY A 208 -4.80 -2.88 18.14
N THR A 209 -3.98 -3.66 17.44
CA THR A 209 -2.93 -3.10 16.55
C THR A 209 -3.06 -3.63 15.12
N ASP A 210 -2.58 -2.84 14.16
CA ASP A 210 -2.36 -3.27 12.77
C ASP A 210 -0.88 -3.66 12.63
N VAL A 211 -0.59 -4.62 11.76
CA VAL A 211 0.81 -4.89 11.43
C VAL A 211 1.07 -4.31 10.04
N LYS A 212 2.05 -3.43 9.94
CA LYS A 212 2.44 -2.89 8.65
C LYS A 212 3.66 -3.65 8.17
N VAL A 213 3.58 -4.18 6.94
CA VAL A 213 4.70 -4.94 6.37
C VAL A 213 5.29 -4.18 5.19
N TYR A 214 6.61 -4.19 5.09
CA TYR A 214 7.31 -3.48 4.02
C TYR A 214 8.32 -4.44 3.38
N THR A 215 8.10 -4.78 2.11
CA THR A 215 8.97 -5.78 1.51
C THR A 215 10.03 -5.08 0.70
N VAL A 216 11.20 -5.70 0.55
CA VAL A 216 12.16 -5.26 -0.46
C VAL A 216 12.56 -6.52 -1.20
N GLY A 217 11.82 -6.78 -2.28
CA GLY A 217 11.91 -8.06 -2.95
C GLY A 217 11.22 -9.12 -2.12
N PRO A 218 11.04 -10.33 -2.69
CA PRO A 218 10.23 -11.39 -2.08
C PRO A 218 10.82 -12.02 -0.81
N ASP A 219 12.13 -11.91 -0.62
CA ASP A 219 12.84 -12.55 0.52
C ASP A 219 13.27 -11.62 1.66
N TYR A 220 12.73 -10.40 1.69
CA TYR A 220 13.00 -9.48 2.79
C TYR A 220 11.70 -8.77 3.12
N ALA A 221 11.35 -8.75 4.40
CA ALA A 221 10.20 -7.98 4.82
C ALA A 221 10.45 -7.42 6.21
N HIS A 222 10.24 -6.13 6.38
CA HIS A 222 10.26 -5.52 7.70
C HIS A 222 8.81 -5.27 8.15
N ALA A 223 8.51 -5.58 9.41
CA ALA A 223 7.16 -5.38 9.93
C ALA A 223 7.22 -4.55 11.22
N GLU A 224 6.16 -3.79 11.47
CA GLU A 224 6.00 -3.05 12.70
C GLU A 224 4.51 -2.87 12.98
N ALA A 225 4.16 -2.65 14.24
CA ALA A 225 2.75 -2.55 14.61
C ALA A 225 2.42 -1.14 15.09
N ARG A 226 1.16 -0.77 14.96
CA ARG A 226 0.70 0.53 15.47
C ARG A 226 -0.75 0.37 15.86
N LYS A 227 -1.21 1.25 16.75
CA LYS A 227 -2.55 1.21 17.31
C LYS A 227 -3.56 1.28 16.19
N SER A 228 -4.56 0.41 16.22
CA SER A 228 -5.58 0.40 15.16
C SER A 228 -6.25 1.78 15.16
N PRO A 229 -6.32 2.43 13.99
CA PRO A 229 -6.82 3.80 13.88
C PRO A 229 -8.26 3.89 14.33
N ALA A 230 -8.97 2.76 14.30
CA ALA A 230 -10.37 2.70 14.69
C ALA A 230 -10.61 2.58 16.21
N LEU A 231 -9.58 2.20 16.97
CA LEU A 231 -9.72 1.98 18.42
C LEU A 231 -10.40 3.14 19.14
N ASP A 232 -9.84 4.35 19.04
CA ASP A 232 -10.57 5.56 19.46
C ASP A 232 -10.19 6.76 18.59
N GLY A 233 -9.24 6.56 17.68
CA GLY A 233 -8.84 7.60 16.76
C GLY A 233 -7.80 8.55 17.29
N LYS A 234 -7.38 8.41 18.55
CA LYS A 234 -6.27 9.25 19.01
C LYS A 234 -4.91 8.63 18.63
N VAL A 235 -4.15 9.34 17.81
CA VAL A 235 -2.84 8.84 17.36
C VAL A 235 -1.83 8.92 18.52
N GLU A 236 -1.07 7.84 18.73
CA GLU A 236 0.04 7.86 19.70
C GLU A 236 1.25 8.48 19.02
N ARG A 237 1.69 9.64 19.51
CA ARG A 237 2.81 10.37 18.89
C ARG A 237 4.01 10.39 19.84
N ASP A 238 5.22 10.26 19.29
CA ASP A 238 6.44 10.47 20.10
C ASP A 238 6.87 11.96 20.14
N SER A 239 8.00 12.23 20.81
CA SER A 239 8.51 13.60 20.96
C SER A 239 8.89 14.27 19.63
N GLU A 240 9.20 13.48 18.62
CA GLU A 240 9.51 13.99 17.28
C GLU A 240 8.26 14.13 16.39
N GLY A 241 7.09 13.81 16.95
CA GLY A 241 5.81 13.89 16.24
C GLY A 241 5.56 12.71 15.32
N LYS A 242 6.34 11.64 15.51
CA LYS A 242 6.19 10.40 14.75
C LYS A 242 5.21 9.45 15.44
N GLU A 243 4.41 8.74 14.65
CA GLU A 243 3.51 7.71 15.17
C GLU A 243 4.33 6.62 15.87
N VAL A 244 3.93 6.27 17.08
CA VAL A 244 4.53 5.20 17.86
C VAL A 244 4.34 3.87 17.11
N ARG A 245 5.45 3.18 16.86
CA ARG A 245 5.49 1.91 16.15
C ARG A 245 6.07 0.84 17.10
N TYR A 246 5.52 -0.37 17.05
CA TYR A 246 5.88 -1.43 18.00
C TYR A 246 6.61 -2.56 17.26
N PRO A 247 7.48 -3.30 17.98
CA PRO A 247 8.29 -4.33 17.32
C PRO A 247 7.43 -5.49 16.85
N VAL A 248 7.74 -5.99 15.65
CA VAL A 248 7.11 -7.19 15.11
C VAL A 248 8.15 -8.07 14.42
N ILE A 249 8.02 -9.37 14.63
CA ILE A 249 8.72 -10.36 13.84
C ILE A 249 7.68 -11.26 13.19
N LEU A 250 7.76 -11.38 11.87
CA LEU A 250 6.80 -12.16 11.12
C LEU A 250 7.05 -13.66 11.34
N ASN A 251 5.98 -14.43 11.51
CA ASN A 251 6.11 -15.88 11.58
C ASN A 251 6.30 -16.47 10.18
N ALA A 252 6.51 -17.77 10.10
CA ALA A 252 6.80 -18.43 8.81
C ALA A 252 5.66 -18.24 7.81
N ARG A 253 4.40 -18.35 8.28
CA ARG A 253 3.24 -18.06 7.44
C ARG A 253 3.25 -16.63 6.87
N GLU A 254 3.62 -15.66 7.71
CA GLU A 254 3.59 -14.26 7.30
C GLU A 254 4.71 -13.94 6.32
N LYS A 255 5.85 -14.61 6.47
CA LYS A 255 6.96 -14.38 5.55
C LYS A 255 6.57 -14.86 4.17
N LEU A 256 5.81 -15.97 4.13
CA LEU A 256 5.28 -16.49 2.87
C LEU A 256 4.24 -15.54 2.29
N ILE A 257 3.39 -14.97 3.14
CA ILE A 257 2.45 -13.95 2.65
C ILE A 257 3.19 -12.82 1.95
N ALA A 258 4.27 -12.34 2.56
CA ALA A 258 5.04 -11.22 2.00
C ALA A 258 5.62 -11.59 0.64
N TRP A 259 6.19 -12.79 0.57
CA TRP A 259 6.72 -13.35 -0.67
C TRP A 259 5.64 -13.36 -1.76
N LYS A 260 4.44 -13.84 -1.42
CA LYS A 260 3.35 -13.94 -2.41
C LYS A 260 2.86 -12.56 -2.87
N VAL A 261 2.74 -11.62 -1.93
CA VAL A 261 2.24 -10.28 -2.23
C VAL A 261 3.22 -9.59 -3.16
N CYS A 262 4.50 -9.63 -2.80
CA CYS A 262 5.54 -8.99 -3.59
C CYS A 262 5.53 -9.50 -5.03
N LEU A 263 5.49 -10.82 -5.21
CA LEU A 263 5.49 -11.40 -6.54
C LEU A 263 4.17 -11.19 -7.30
N ALA A 264 3.04 -11.38 -6.62
CA ALA A 264 1.76 -11.28 -7.31
C ALA A 264 1.49 -9.86 -7.82
N PHE A 265 1.89 -8.84 -7.06
CA PHE A 265 1.67 -7.46 -7.53
C PHE A 265 2.86 -6.88 -8.31
N LYS A 266 3.94 -7.65 -8.39
CA LYS A 266 5.15 -7.28 -9.12
C LYS A 266 5.74 -5.94 -8.65
N GLN A 267 5.66 -5.71 -7.34
CA GLN A 267 6.17 -4.51 -6.70
C GLN A 267 7.29 -4.99 -5.78
N THR A 268 8.54 -4.82 -6.23
CA THR A 268 9.70 -5.20 -5.43
C THR A 268 9.64 -4.50 -4.05
N VAL A 269 9.36 -3.19 -4.05
CA VAL A 269 9.16 -2.42 -2.82
C VAL A 269 7.65 -2.29 -2.62
N CYS A 270 7.12 -2.96 -1.59
CA CYS A 270 5.66 -3.08 -1.44
C CYS A 270 5.30 -3.02 0.01
N GLY A 271 4.37 -2.13 0.36
CA GLY A 271 3.83 -2.16 1.70
C GLY A 271 2.47 -2.80 1.71
N PHE A 272 2.16 -3.53 2.78
CA PHE A 272 0.79 -4.06 2.92
C PHE A 272 0.48 -4.23 4.39
N ASP A 273 -0.82 -4.39 4.71
CA ASP A 273 -1.35 -4.41 6.09
C ASP A 273 -1.81 -5.83 6.43
N LEU A 274 -1.41 -6.33 7.61
CA LEU A 274 -1.88 -7.61 8.15
C LEU A 274 -2.71 -7.43 9.42
N LEU A 275 -3.77 -8.20 9.54
CA LEU A 275 -4.57 -8.26 10.73
C LEU A 275 -4.32 -9.62 11.35
N ARG A 276 -3.72 -9.62 12.52
CA ARG A 276 -3.48 -10.85 13.26
C ARG A 276 -4.72 -11.15 14.09
N ALA A 277 -5.49 -12.11 13.64
CA ALA A 277 -6.80 -12.36 14.19
C ALA A 277 -7.09 -13.84 14.16
N ASN A 278 -7.65 -14.36 15.26
CA ASN A 278 -8.11 -15.74 15.36
C ASN A 278 -7.04 -16.75 14.95
N GLY A 279 -5.81 -16.53 15.42
CA GLY A 279 -4.70 -17.44 15.15
C GLY A 279 -4.19 -17.49 13.72
N GLN A 280 -4.60 -16.53 12.90
CA GLN A 280 -4.08 -16.41 11.55
CA GLN A 280 -4.11 -16.41 11.53
C GLN A 280 -3.78 -14.94 11.23
N SER A 281 -3.31 -14.67 10.02
CA SER A 281 -3.00 -13.30 9.60
C SER A 281 -3.65 -12.99 8.27
N TYR A 282 -4.46 -11.95 8.24
CA TYR A 282 -5.22 -11.58 7.05
C TYR A 282 -4.71 -10.28 6.44
N VAL A 283 -4.55 -10.27 5.12
CA VAL A 283 -4.20 -9.04 4.40
C VAL A 283 -5.48 -8.22 4.18
N CYS A 284 -5.48 -6.95 4.58
CA CYS A 284 -6.64 -6.09 4.36
C CYS A 284 -6.37 -4.92 3.43
N ASP A 285 -5.12 -4.79 2.97
CA ASP A 285 -4.72 -3.61 2.22
C ASP A 285 -3.36 -3.87 1.58
N VAL A 286 -3.23 -3.56 0.29
CA VAL A 286 -1.93 -3.63 -0.40
C VAL A 286 -1.67 -2.26 -1.03
N ASN A 287 -0.60 -1.61 -0.59
CA ASN A 287 -0.33 -0.22 -1.00
C ASN A 287 0.72 -0.01 -2.10
N GLY A 288 1.49 -1.03 -2.42
CA GLY A 288 2.61 -0.82 -3.34
C GLY A 288 3.73 -0.04 -2.67
N PHE A 289 4.42 0.79 -3.45
CA PHE A 289 5.67 1.39 -3.00
C PHE A 289 5.48 2.20 -1.75
N SER A 290 6.22 1.83 -0.73
N SER A 290 6.19 1.81 -0.71
CA SER A 290 6.16 2.43 0.58
CA SER A 290 6.20 2.54 0.54
C SER A 290 7.49 2.11 1.30
C SER A 290 7.46 2.13 1.30
N PHE A 291 8.11 3.12 1.90
CA PHE A 291 9.33 2.92 2.72
C PHE A 291 8.99 3.05 4.21
N VAL A 292 9.80 2.41 5.05
CA VAL A 292 9.75 2.59 6.48
C VAL A 292 10.28 3.97 6.87
N LYS A 293 9.58 4.65 7.77
CA LYS A 293 10.04 5.92 8.35
C LYS A 293 10.80 5.67 9.67
N ASN A 294 11.93 6.35 9.85
CA ASN A 294 12.69 6.30 11.11
CA ASN A 294 12.71 6.29 11.11
C ASN A 294 13.21 4.91 11.54
N SER A 295 13.74 4.16 10.58
CA SER A 295 14.51 2.96 10.90
C SER A 295 15.78 3.00 10.07
N MET A 296 16.88 3.35 10.72
CA MET A 296 18.19 3.40 10.05
C MET A 296 18.59 2.06 9.43
N LYS A 297 18.30 0.96 10.13
CA LYS A 297 18.62 -0.37 9.61
C LYS A 297 17.81 -0.70 8.36
N TYR A 298 16.54 -0.30 8.35
CA TYR A 298 15.74 -0.47 7.14
C TYR A 298 16.39 0.25 5.96
N TYR A 299 16.78 1.52 6.16
CA TYR A 299 17.43 2.26 5.06
C TYR A 299 18.65 1.52 4.51
N ASP A 300 19.53 1.05 5.41
CA ASP A 300 20.71 0.26 5.03
C ASP A 300 20.33 -0.99 4.22
N ASP A 301 19.37 -1.76 4.73
CA ASP A 301 18.98 -3.03 4.11
C ASP A 301 18.32 -2.82 2.75
N CYS A 302 17.36 -1.92 2.71
CA CYS A 302 16.62 -1.62 1.49
C CYS A 302 17.56 -1.18 0.38
N ALA A 303 18.46 -0.25 0.69
CA ALA A 303 19.41 0.23 -0.31
C ALA A 303 20.33 -0.91 -0.80
N LYS A 304 20.83 -1.72 0.15
CA LYS A 304 21.70 -2.85 -0.20
C LYS A 304 21.00 -3.81 -1.16
N ILE A 305 19.76 -4.18 -0.83
CA ILE A 305 19.01 -5.15 -1.63
C ILE A 305 18.70 -4.60 -3.03
N LEU A 306 18.31 -3.33 -3.11
CA LEU A 306 17.95 -2.73 -4.39
C LEU A 306 19.19 -2.63 -5.28
N GLY A 307 20.29 -2.15 -4.71
CA GLY A 307 21.60 -2.14 -5.38
C GLY A 307 21.99 -3.52 -5.88
N ASN A 308 21.86 -4.54 -5.02
CA ASN A 308 22.17 -5.91 -5.44
C ASN A 308 21.29 -6.43 -6.56
N ILE A 309 20.00 -6.07 -6.55
CA ILE A 309 19.06 -6.48 -7.59
C ILE A 309 19.49 -5.85 -8.91
N VAL A 310 19.81 -4.56 -8.85
CA VAL A 310 20.28 -3.81 -10.01
C VAL A 310 21.55 -4.44 -10.60
N MET A 311 22.57 -4.66 -9.77
CA MET A 311 23.81 -5.30 -10.20
C MET A 311 23.61 -6.72 -10.74
N ARG A 312 22.84 -7.55 -10.03
CA ARG A 312 22.57 -8.92 -10.47
C ARG A 312 22.00 -8.91 -11.88
N GLU A 313 21.04 -8.02 -12.11
CA GLU A 313 20.35 -7.96 -13.39
C GLU A 313 21.20 -7.34 -14.51
N LEU A 314 21.95 -6.30 -14.19
CA LEU A 314 22.59 -5.48 -15.23
C LEU A 314 24.12 -5.57 -15.33
N ALA A 315 24.79 -6.12 -14.33
CA ALA A 315 26.25 -6.19 -14.38
C ALA A 315 26.80 -6.97 -15.59
N PRO A 316 26.17 -8.12 -15.93
CA PRO A 316 26.68 -8.84 -17.10
C PRO A 316 26.71 -7.99 -18.38
N GLN A 317 25.60 -7.35 -18.73
CA GLN A 317 25.51 -6.59 -19.97
C GLN A 317 26.39 -5.34 -20.00
N PHE A 318 26.79 -4.86 -18.83
CA PHE A 318 27.74 -3.76 -18.72
C PHE A 318 29.18 -4.24 -18.56
N HIS A 319 29.38 -5.56 -18.63
CA HIS A 319 30.69 -6.20 -18.41
C HIS A 319 31.32 -5.78 -17.09
N ILE A 320 30.55 -5.91 -16.00
CA ILE A 320 31.05 -5.63 -14.65
C ILE A 320 31.01 -6.93 -13.87
N PRO A 321 32.12 -7.28 -13.18
CA PRO A 321 32.11 -8.49 -12.34
C PRO A 321 31.14 -8.37 -11.16
N TRP A 322 30.28 -9.37 -11.01
CA TRP A 322 29.36 -9.39 -9.88
C TRP A 322 29.17 -10.78 -9.26
N SER A 323 29.35 -10.83 -7.94
CA SER A 323 29.10 -12.03 -7.15
C SER A 323 28.02 -11.79 -6.08
N ILE A 324 27.19 -12.81 -5.86
CA ILE A 324 26.08 -12.75 -4.88
C ILE A 324 26.48 -12.23 -3.48
PB ADP B . -6.49 2.29 3.88
O1B ADP B . -7.23 3.59 4.03
O2B ADP B . -6.22 2.02 2.39
O3B ADP B . -5.16 2.22 4.73
PA ADP B . -7.33 -0.23 5.14
O1A ADP B . -7.96 -1.30 4.38
O2A ADP B . -5.91 -0.42 5.60
O3A ADP B . -7.54 1.07 4.29
O5' ADP B . -8.23 0.13 6.41
C5' ADP B . -7.77 1.09 7.37
C4' ADP B . -7.68 0.47 8.78
O4' ADP B . -8.98 -0.04 9.14
C3' ADP B . -6.74 -0.75 8.85
O3' ADP B . -5.41 -0.32 9.14
C2' ADP B . -7.33 -1.50 10.02
O2' ADP B . -6.95 -0.91 11.28
C1' ADP B . -8.83 -1.28 9.84
N9 ADP B . -9.42 -2.42 9.09
C8 ADP B . -9.58 -2.44 7.64
N7 ADP B . -10.26 -3.71 7.40
C5 ADP B . -10.49 -4.30 8.58
C6 ADP B . -11.12 -5.49 8.88
N6 ADP B . -11.63 -6.24 7.90
N1 ADP B . -11.20 -5.88 10.17
C2 ADP B . -10.72 -5.11 11.14
N3 ADP B . -10.11 -3.95 10.88
C4 ADP B . -9.98 -3.52 9.61
C1 I8P C . 0.64 6.14 4.16
C2 I8P C . 1.00 6.87 2.86
C3 I8P C . 0.28 8.23 2.81
C4 I8P C . 0.71 9.12 3.97
C5 I8P C . 0.50 8.41 5.32
C6 I8P C . 1.04 6.97 5.39
O11 I8P C . 1.24 4.84 4.19
O12 I8P C . 2.42 7.07 2.78
O13 I8P C . 0.54 8.91 1.58
O14 I8P C . -0.10 10.28 3.95
O15 I8P C . 1.16 9.15 6.32
O16 I8P C . 0.45 6.41 6.55
O21 I8P C . 1.05 3.49 2.08
O22 I8P C . 4.71 6.02 2.25
O23 I8P C . -1.71 10.00 1.21
O24 I8P C . 0.05 11.85 1.88
O25 I8P C . -1.07 9.98 7.29
O26 I8P C . 0.52 5.72 9.07
O31 I8P C . 0.85 2.38 4.36
O32 I8P C . 2.64 5.07 1.10
O33 I8P C . -1.31 7.58 0.44
O34 I8P C . 2.01 11.72 3.45
O35 I8P C . 0.95 11.53 6.96
O36 I8P C . 2.69 6.54 7.85
O41 I8P C . -1.02 3.87 3.37
O42 I8P C . 3.52 7.35 0.44
O43 I8P C . -0.14 9.53 -0.87
O44 I8P C . -0.20 12.84 4.29
O45 I8P C . 0.95 9.65 8.68
O46 I8P C . 1.59 4.24 7.20
O51 I8P C . -3.26 3.16 2.67
O55 I8P C . 3.22 10.87 9.00
O61 I8P C . -2.31 1.77 4.72
O65 I8P C . 1.94 9.66 11.02
O71 I8P C . -3.04 4.23 5.03
O75 I8P C . 1.02 11.85 10.06
PA1 I8P C . 0.59 3.53 3.48
PA2 I8P C . 3.29 6.30 1.60
PA3 I8P C . -0.66 9.03 0.47
PA4 I8P C . 0.42 11.76 3.45
PA5 I8P C . 0.39 10.19 7.29
PA6 I8P C . 1.33 5.63 7.67
PB1 I8P C . -2.42 3.28 4.06
PB5 I8P C . 1.75 10.60 9.69
CD CD D . -4.19 1.60 1.61
MG MG E . -4.07 0.53 5.27
MG MG F . 27.42 5.28 -7.17
MG MG G . -0.18 13.19 6.40
MG MG H . 0.35 4.73 -2.29
MG MG I . 7.45 -6.10 -2.60
#